data_6W8H
#
_entry.id   6W8H
#
_cell.length_a   48.331
_cell.length_b   67.197
_cell.length_c   69.740
_cell.angle_alpha   90.000
_cell.angle_beta   96.880
_cell.angle_gamma   90.000
#
_symmetry.space_group_name_H-M   'P 1 21 1'
#
loop_
_entity.id
_entity.type
_entity.pdbx_description
1 polymer 'Hematopoietic prostaglandin D synthase'
2 non-polymer GLUTATHIONE
3 non-polymer 1,2-ETHANEDIOL
4 non-polymer 7-cyclopropyl-N-[trans-4-(2-hydroxypropan-2-yl)cyclohexyl]-1,8-naphthyridine-3-carboxamide
5 water water
#
_entity_poly.entity_id   1
_entity_poly.type   'polypeptide(L)'
_entity_poly.pdbx_seq_one_letter_code
;MHHHHHHENLYFQGMPNYKLTYFNMRGRAEIIRYIFAYLDIQYEDHRIEQADWPEIKSTLPFGKIPILEVDGLTLHQSLA
IARYLTKNTDLAGNTEMEQCHVDAIVDTLDDFMSCFPWAEKKQDVKEQMFNELLTYNAPHLMQDLDTYLGGREWLIGNSV
TWADFYWEICSTTLLVFKPDLLDNHPRLVTLRKKVQAIPAVANWIKRRPQTKL
;
_entity_poly.pdbx_strand_id   A,C
#
loop_
_chem_comp.id
_chem_comp.type
_chem_comp.name
_chem_comp.formula
EDO non-polymer 1,2-ETHANEDIOL 'C2 H6 O2'
GSH non-polymer GLUTATHIONE 'C10 H17 N3 O6 S'
TJG non-polymer 7-cyclopropyl-N-[trans-4-(2-hydroxypropan-2-yl)cyclohexyl]-1,8-naphthyridine-3-carboxamide 'C21 H27 N3 O2'
#
# COMPACT_ATOMS: atom_id res chain seq x y z
N PRO A 16 24.49 -6.44 8.24
CA PRO A 16 23.46 -6.98 9.15
C PRO A 16 22.99 -8.40 8.82
N ASN A 17 22.44 -9.07 9.84
CA ASN A 17 21.85 -10.40 9.68
C ASN A 17 20.34 -10.22 9.50
N TYR A 18 19.78 -10.95 8.54
CA TYR A 18 18.37 -10.85 8.17
C TYR A 18 17.68 -12.19 8.38
N LYS A 19 16.51 -12.16 9.01
CA LYS A 19 15.67 -13.35 9.12
C LYS A 19 14.26 -13.00 8.68
N LEU A 20 13.82 -13.63 7.60
CA LEU A 20 12.49 -13.43 7.02
C LEU A 20 11.61 -14.55 7.48
N THR A 21 10.42 -14.21 7.98
CA THR A 21 9.43 -15.20 8.43
C THR A 21 8.14 -15.04 7.64
N TYR A 22 7.70 -16.15 7.05
CA TYR A 22 6.44 -16.24 6.31
C TYR A 22 6.01 -17.69 6.22
N PHE A 23 4.82 -17.94 5.68
CA PHE A 23 4.37 -19.29 5.30
C PHE A 23 5.25 -19.86 4.19
N ASN A 24 5.22 -21.18 4.03
CA ASN A 24 5.94 -21.86 2.93
C ASN A 24 5.16 -21.61 1.65
N MET A 25 5.28 -20.40 1.13
CA MET A 25 4.71 -20.04 -0.17
C MET A 25 5.36 -18.75 -0.65
N ARG A 26 5.22 -18.48 -1.94
CA ARG A 26 5.73 -17.22 -2.51
C ARG A 26 4.99 -16.09 -1.80
N GLY A 27 3.68 -15.98 -2.05
CA GLY A 27 2.77 -14.99 -1.49
C GLY A 27 3.36 -13.60 -1.33
N ARG A 28 3.16 -13.00 -0.16
CA ARG A 28 3.60 -11.60 0.08
C ARG A 28 5.07 -11.50 0.45
N ALA A 29 5.73 -12.62 0.70
CA ALA A 29 7.15 -12.56 1.04
C ALA A 29 8.00 -12.56 -0.21
N GLU A 30 7.45 -12.98 -1.35
CA GLU A 30 8.30 -13.28 -2.51
C GLU A 30 9.02 -12.04 -3.03
N ILE A 31 8.39 -10.88 -2.90
CA ILE A 31 9.05 -9.61 -3.31
C ILE A 31 10.33 -9.40 -2.49
N ILE A 32 10.30 -9.71 -1.19
CA ILE A 32 11.48 -9.53 -0.34
C ILE A 32 12.57 -10.53 -0.76
N ARG A 33 12.17 -11.76 -1.03
CA ARG A 33 13.09 -12.81 -1.47
C ARG A 33 13.77 -12.49 -2.83
N TYR A 34 13.04 -11.87 -3.77
CA TYR A 34 13.63 -11.41 -5.05
C TYR A 34 14.68 -10.33 -4.83
N ILE A 35 14.39 -9.40 -3.91
CA ILE A 35 15.30 -8.29 -3.62
C ILE A 35 16.58 -8.80 -2.97
N PHE A 36 16.47 -9.72 -2.02
CA PHE A 36 17.66 -10.29 -1.37
C PHE A 36 18.55 -11.01 -2.40
N ALA A 37 17.93 -11.81 -3.28
CA ALA A 37 18.64 -12.55 -4.35
C ALA A 37 19.41 -11.59 -5.24
N TYR A 38 18.71 -10.58 -5.72
CA TYR A 38 19.25 -9.59 -6.64
C TYR A 38 20.45 -8.86 -6.05
N LEU A 39 20.31 -8.39 -4.80
CA LEU A 39 21.34 -7.62 -4.10
C LEU A 39 22.44 -8.51 -3.50
N ASP A 40 22.28 -9.83 -3.57
CA ASP A 40 23.29 -10.82 -3.15
C ASP A 40 23.41 -10.78 -1.63
N ILE A 41 22.27 -10.73 -0.96
CA ILE A 41 22.21 -10.59 0.49
C ILE A 41 21.81 -11.94 1.05
N GLN A 42 22.65 -12.47 1.94
CA GLN A 42 22.38 -13.72 2.65
C GLN A 42 21.35 -13.43 3.73
N TYR A 43 20.42 -14.35 3.92
CA TYR A 43 19.34 -14.19 4.90
C TYR A 43 18.78 -15.56 5.25
N GLU A 44 18.23 -15.69 6.45
CA GLU A 44 17.49 -16.91 6.82
C GLU A 44 16.08 -16.79 6.27
N ASP A 45 15.72 -17.70 5.37
CA ASP A 45 14.39 -17.79 4.78
C ASP A 45 13.54 -18.71 5.64
N HIS A 46 13.02 -18.19 6.74
CA HIS A 46 12.29 -18.99 7.72
C HIS A 46 10.83 -19.15 7.30
N ARG A 47 10.45 -20.40 7.03
CA ARG A 47 9.11 -20.75 6.53
C ARG A 47 8.37 -21.57 7.58
N ILE A 48 7.13 -21.18 7.87
CA ILE A 48 6.30 -21.86 8.88
C ILE A 48 5.10 -22.55 8.24
N GLU A 49 4.63 -23.62 8.88
CA GLU A 49 3.37 -24.29 8.53
C GLU A 49 2.24 -23.57 9.27
N GLN A 50 1.02 -23.69 8.77
CA GLN A 50 -0.19 -23.22 9.48
C GLN A 50 -0.17 -23.64 10.96
N ALA A 51 0.19 -24.88 11.26
CA ALA A 51 0.24 -25.40 12.65
C ALA A 51 1.09 -24.52 13.59
N ASP A 52 2.19 -23.95 13.08
CA ASP A 52 3.07 -23.04 13.84
C ASP A 52 2.42 -21.67 14.08
N TRP A 53 1.37 -21.30 13.32
CA TRP A 53 0.97 -19.88 13.16
C TRP A 53 0.42 -19.27 14.45
N PRO A 54 -0.60 -19.88 15.12
CA PRO A 54 -1.14 -19.30 16.36
C PRO A 54 -0.09 -19.05 17.45
N GLU A 55 0.85 -19.98 17.61
CA GLU A 55 2.01 -19.82 18.53
C GLU A 55 2.74 -18.52 18.23
N ILE A 56 3.05 -18.28 16.95
CA ILE A 56 3.87 -17.13 16.54
C ILE A 56 3.06 -15.84 16.47
N LYS A 57 1.81 -15.91 16.04
CA LYS A 57 0.99 -14.71 15.80
C LYS A 57 0.99 -13.73 16.99
N SER A 58 0.90 -14.24 18.21
CA SER A 58 0.81 -13.40 19.43
C SER A 58 2.10 -12.61 19.69
N THR A 59 3.25 -13.13 19.26
CA THR A 59 4.54 -12.41 19.42
C THR A 59 4.66 -11.20 18.50
N LEU A 60 3.86 -11.14 17.43
CA LEU A 60 3.98 -10.07 16.42
C LEU A 60 3.14 -8.86 16.81
N PRO A 61 3.68 -7.63 16.70
CA PRO A 61 2.92 -6.45 17.15
C PRO A 61 1.59 -6.26 16.41
N PHE A 62 1.53 -6.58 15.10
CA PHE A 62 0.27 -6.48 14.33
C PHE A 62 -0.34 -7.81 13.86
N GLY A 63 0.18 -8.92 14.37
CA GLY A 63 -0.41 -10.24 14.15
C GLY A 63 -0.37 -10.72 12.71
N LYS A 64 0.52 -10.18 11.88
CA LYS A 64 0.60 -10.60 10.46
C LYS A 64 2.02 -10.90 10.04
N ILE A 65 2.11 -11.67 8.95
CA ILE A 65 3.40 -11.93 8.30
C ILE A 65 3.25 -11.56 6.82
N PRO A 66 4.35 -11.27 6.11
CA PRO A 66 5.73 -11.47 6.57
C PRO A 66 6.23 -10.47 7.60
N ILE A 67 7.28 -10.87 8.33
CA ILE A 67 8.12 -9.95 9.10
C ILE A 67 9.58 -10.19 8.71
N LEU A 68 10.37 -9.15 8.83
CA LEU A 68 11.81 -9.21 8.59
C LEU A 68 12.50 -8.72 9.84
N GLU A 69 13.40 -9.55 10.37
CA GLU A 69 14.26 -9.18 11.51
C GLU A 69 15.63 -8.74 10.98
N VAL A 70 16.01 -7.49 11.24
CA VAL A 70 17.29 -6.88 10.82
C VAL A 70 18.09 -6.63 12.10
N ASP A 71 19.24 -7.29 12.24
CA ASP A 71 20.00 -7.32 13.51
C ASP A 71 19.04 -7.28 14.72
N GLY A 72 18.13 -8.26 14.78
CA GLY A 72 17.24 -8.45 15.93
C GLY A 72 16.13 -7.42 16.07
N LEU A 73 15.90 -6.58 15.07
CA LEU A 73 14.80 -5.58 15.11
C LEU A 73 13.75 -5.96 14.07
N THR A 74 12.48 -5.97 14.49
CA THR A 74 11.39 -6.51 13.67
C THR A 74 10.76 -5.42 12.77
N LEU A 75 10.72 -5.67 11.47
CA LEU A 75 9.95 -4.87 10.50
C LEU A 75 8.76 -5.67 10.02
N HIS A 76 7.65 -5.01 9.72
CA HIS A 76 6.49 -5.67 9.10
C HIS A 76 6.00 -4.88 7.87
N GLN A 77 5.00 -5.43 7.18
CA GLN A 77 4.39 -4.90 5.93
C GLN A 77 5.35 -5.11 4.76
N SER A 78 5.01 -6.06 3.89
CA SER A 78 5.90 -6.56 2.83
C SER A 78 6.43 -5.44 1.92
N LEU A 79 5.58 -4.50 1.55
CA LEU A 79 5.99 -3.40 0.65
C LEU A 79 6.75 -2.30 1.38
N ALA A 80 6.45 -2.04 2.66
CA ALA A 80 7.29 -1.16 3.47
C ALA A 80 8.73 -1.74 3.58
N ILE A 81 8.85 -3.05 3.73
CA ILE A 81 10.14 -3.74 3.87
C ILE A 81 10.87 -3.68 2.51
N ALA A 82 10.15 -3.95 1.43
CA ALA A 82 10.70 -3.85 0.07
C ALA A 82 11.29 -2.47 -0.18
N ARG A 83 10.53 -1.43 0.20
CA ARG A 83 11.00 -0.05 0.01
CA ARG A 83 10.91 0.01 0.08
C ARG A 83 12.23 0.25 0.86
N TYR A 84 12.27 -0.25 2.10
CA TYR A 84 13.42 -0.12 2.99
C TYR A 84 14.64 -0.82 2.38
N LEU A 85 14.49 -2.03 1.86
CA LEU A 85 15.66 -2.79 1.35
C LEU A 85 16.22 -2.18 0.06
N THR A 86 15.39 -1.53 -0.75
CA THR A 86 15.80 -1.06 -2.07
C THR A 86 16.31 0.38 -2.05
N LYS A 87 16.13 1.08 -0.92
CA LYS A 87 16.53 2.47 -0.83
C LYS A 87 18.04 2.60 -1.11
N ASN A 88 18.41 3.60 -1.89
CA ASN A 88 19.83 3.88 -2.24
C ASN A 88 20.44 2.72 -3.06
N THR A 89 19.62 1.98 -3.78
CA THR A 89 20.06 0.91 -4.69
C THR A 89 19.48 1.17 -6.08
N ASP A 90 20.01 0.45 -7.07
CA ASP A 90 19.55 0.58 -8.48
C ASP A 90 18.11 0.09 -8.67
N LEU A 91 17.55 -0.68 -7.73
CA LEU A 91 16.15 -1.15 -7.83
C LEU A 91 15.12 -0.09 -7.44
N ALA A 92 15.56 1.03 -6.87
CA ALA A 92 14.63 1.97 -6.21
C ALA A 92 13.88 2.90 -7.18
N GLY A 93 14.55 3.25 -8.29
CA GLY A 93 14.12 4.34 -9.17
C GLY A 93 15.11 5.46 -8.97
N ASN A 94 15.61 6.04 -10.07
CA ASN A 94 16.77 6.96 -10.06
C ASN A 94 16.45 8.35 -9.50
N THR A 95 15.21 8.80 -9.64
CA THR A 95 14.77 10.13 -9.16
C THR A 95 13.60 9.97 -8.20
N GLU A 96 13.30 11.02 -7.45
CA GLU A 96 12.11 11.06 -6.57
C GLU A 96 10.84 10.79 -7.36
N MET A 97 10.72 11.43 -8.52
CA MET A 97 9.56 11.21 -9.41
CA MET A 97 9.61 11.22 -9.45
C MET A 97 9.46 9.73 -9.82
N GLU A 98 10.56 9.11 -10.21
CA GLU A 98 10.53 7.70 -10.64
C GLU A 98 10.26 6.77 -9.45
N GLN A 99 10.74 7.15 -8.26
CA GLN A 99 10.38 6.44 -7.03
C GLN A 99 8.88 6.50 -6.82
N CYS A 100 8.26 7.65 -7.07
CA CYS A 100 6.79 7.78 -7.00
C CYS A 100 6.13 6.79 -7.97
N HIS A 101 6.63 6.71 -9.20
CA HIS A 101 6.09 5.80 -10.24
C HIS A 101 6.23 4.34 -9.79
N VAL A 102 7.39 3.97 -9.26
CA VAL A 102 7.62 2.63 -8.71
C VAL A 102 6.57 2.31 -7.63
N ASP A 103 6.41 3.20 -6.66
CA ASP A 103 5.41 3.02 -5.59
C ASP A 103 4.01 2.89 -6.16
N ALA A 104 3.66 3.68 -7.17
CA ALA A 104 2.29 3.73 -7.70
C ALA A 104 1.93 2.42 -8.40
N ILE A 105 2.86 1.92 -9.20
CA ILE A 105 2.68 0.65 -9.93
C ILE A 105 2.51 -0.51 -8.96
N VAL A 106 3.40 -0.61 -7.99
CA VAL A 106 3.34 -1.64 -6.95
C VAL A 106 2.00 -1.56 -6.20
N ASP A 107 1.59 -0.35 -5.82
CA ASP A 107 0.31 -0.15 -5.13
C ASP A 107 -0.88 -0.54 -6.02
N THR A 108 -0.83 -0.21 -7.32
CA THR A 108 -1.88 -0.62 -8.28
C THR A 108 -2.00 -2.15 -8.35
N LEU A 109 -0.86 -2.83 -8.56
CA LEU A 109 -0.80 -4.29 -8.56
C LEU A 109 -1.29 -4.86 -7.22
N ASP A 110 -0.85 -4.28 -6.11
CA ASP A 110 -1.16 -4.84 -4.77
C ASP A 110 -2.61 -4.65 -4.41
N ASP A 111 -3.17 -3.49 -4.77
CA ASP A 111 -4.63 -3.28 -4.64
C ASP A 111 -5.38 -4.43 -5.31
N PHE A 112 -4.98 -4.78 -6.52
CA PHE A 112 -5.68 -5.81 -7.30
C PHE A 112 -5.58 -7.15 -6.57
N MET A 113 -4.36 -7.59 -6.25
CA MET A 113 -4.11 -8.87 -5.56
C MET A 113 -4.81 -8.95 -4.19
N SER A 114 -4.99 -7.82 -3.51
CA SER A 114 -5.72 -7.74 -2.24
C SER A 114 -7.23 -7.99 -2.37
N CYS A 115 -7.83 -7.75 -3.53
CA CYS A 115 -9.29 -7.98 -3.74
C CYS A 115 -9.65 -9.47 -3.59
N PHE A 116 -8.72 -10.37 -3.91
CA PHE A 116 -8.96 -11.82 -3.89
C PHE A 116 -9.19 -12.31 -2.46
N PRO A 117 -10.29 -13.08 -2.23
CA PRO A 117 -10.60 -13.58 -0.89
C PRO A 117 -9.74 -14.79 -0.51
N TRP A 118 -8.47 -14.52 -0.23
CA TRP A 118 -7.46 -15.55 0.05
C TRP A 118 -7.83 -16.42 1.25
N ALA A 119 -8.47 -15.82 2.25
CA ALA A 119 -8.79 -16.48 3.54
C ALA A 119 -10.24 -16.95 3.63
N GLU A 120 -10.97 -17.01 2.51
CA GLU A 120 -12.42 -17.35 2.49
C GLU A 120 -12.63 -18.87 2.67
N LYS A 121 -13.54 -19.24 3.57
CA LYS A 121 -13.85 -20.65 3.88
C LYS A 121 -14.71 -21.28 2.78
N LYS A 122 -15.85 -20.67 2.47
CA LYS A 122 -16.82 -21.21 1.48
C LYS A 122 -16.24 -21.16 0.07
N GLN A 123 -15.96 -22.33 -0.52
CA GLN A 123 -15.32 -22.45 -1.85
C GLN A 123 -16.24 -22.04 -3.01
N ASP A 124 -17.56 -21.98 -2.77
CA ASP A 124 -18.54 -21.55 -3.79
C ASP A 124 -18.42 -20.04 -4.05
N VAL A 125 -18.53 -19.24 -2.99
CA VAL A 125 -18.44 -17.76 -3.08
C VAL A 125 -16.99 -17.35 -3.40
N LYS A 126 -16.02 -18.16 -2.99
CA LYS A 126 -14.59 -17.92 -3.29
C LYS A 126 -14.30 -18.06 -4.79
N GLU A 127 -14.74 -19.16 -5.39
CA GLU A 127 -14.52 -19.41 -6.84
C GLU A 127 -15.26 -18.36 -7.68
N GLN A 128 -16.48 -18.00 -7.27
CA GLN A 128 -17.31 -16.98 -7.95
C GLN A 128 -16.57 -15.64 -8.02
N MET A 129 -15.98 -15.20 -6.90
CA MET A 129 -15.27 -13.91 -6.83
C MET A 129 -13.94 -13.97 -7.59
N PHE A 130 -13.19 -15.05 -7.45
CA PHE A 130 -11.96 -15.29 -8.24
C PHE A 130 -12.23 -15.17 -9.73
N ASN A 131 -13.28 -15.85 -10.22
CA ASN A 131 -13.68 -15.81 -11.63
C ASN A 131 -14.19 -14.41 -12.02
N GLU A 132 -15.01 -13.79 -11.18
CA GLU A 132 -15.45 -12.39 -11.34
C GLU A 132 -14.22 -11.47 -11.57
N LEU A 133 -13.24 -11.54 -10.66
CA LEU A 133 -12.04 -10.67 -10.72
C LEU A 133 -11.16 -11.00 -11.93
N LEU A 134 -10.94 -12.28 -12.20
CA LEU A 134 -10.14 -12.72 -13.35
C LEU A 134 -10.82 -12.46 -14.71
N THR A 135 -12.16 -12.48 -14.74
CA THR A 135 -12.94 -12.31 -15.98
C THR A 135 -13.05 -10.83 -16.34
N TYR A 136 -13.63 -10.03 -15.46
CA TYR A 136 -13.94 -8.62 -15.77
C TYR A 136 -12.73 -7.71 -15.49
N ASN A 137 -12.18 -7.80 -14.29
CA ASN A 137 -11.24 -6.78 -13.79
C ASN A 137 -9.81 -6.99 -14.30
N ALA A 138 -9.35 -8.24 -14.37
CA ALA A 138 -7.96 -8.56 -14.73
C ALA A 138 -7.57 -8.07 -16.13
N PRO A 139 -8.43 -8.23 -17.16
CA PRO A 139 -8.09 -7.74 -18.50
C PRO A 139 -7.93 -6.22 -18.60
N HIS A 140 -8.73 -5.46 -17.86
CA HIS A 140 -8.59 -3.99 -17.82
C HIS A 140 -7.23 -3.57 -17.27
N LEU A 141 -6.81 -4.21 -16.19
CA LEU A 141 -5.49 -3.97 -15.57
C LEU A 141 -4.37 -4.36 -16.53
N MET A 142 -4.53 -5.49 -17.22
CA MET A 142 -3.54 -5.92 -18.22
C MET A 142 -3.42 -4.85 -19.32
N GLN A 143 -4.55 -4.31 -19.78
CA GLN A 143 -4.55 -3.32 -20.88
C GLN A 143 -3.89 -2.03 -20.42
N ASP A 144 -4.24 -1.57 -19.22
CA ASP A 144 -3.61 -0.40 -18.56
C ASP A 144 -2.09 -0.55 -18.47
N LEU A 145 -1.63 -1.71 -17.99
CA LEU A 145 -0.18 -1.95 -17.80
C LEU A 145 0.55 -1.94 -19.14
N ASP A 146 -0.08 -2.53 -20.15
CA ASP A 146 0.47 -2.62 -21.51
C ASP A 146 0.63 -1.22 -22.12
N THR A 147 -0.37 -0.37 -21.93
CA THR A 147 -0.32 1.04 -22.35
C THR A 147 0.81 1.78 -21.63
N TYR A 148 0.81 1.71 -20.30
CA TYR A 148 1.76 2.43 -19.45
C TYR A 148 3.21 2.05 -19.78
N LEU A 149 3.41 0.80 -20.18
CA LEU A 149 4.74 0.29 -20.54
C LEU A 149 5.23 0.88 -21.86
N GLY A 150 4.32 1.05 -22.82
CA GLY A 150 4.60 1.68 -24.14
C GLY A 150 5.83 1.12 -24.85
N GLY A 151 6.73 2.03 -25.26
CA GLY A 151 7.98 1.67 -25.95
C GLY A 151 9.09 1.10 -25.07
N ARG A 152 8.93 1.13 -23.73
CA ARG A 152 10.01 0.77 -22.79
C ARG A 152 10.09 -0.73 -22.55
N GLU A 153 11.27 -1.19 -22.15
CA GLU A 153 11.50 -2.60 -21.79
C GLU A 153 11.22 -2.86 -20.28
N TRP A 154 11.27 -1.81 -19.45
CA TRP A 154 10.94 -1.89 -18.02
C TRP A 154 9.84 -0.90 -17.66
N LEU A 155 9.14 -1.18 -16.56
CA LEU A 155 7.94 -0.39 -16.18
C LEU A 155 8.30 1.05 -15.88
N ILE A 156 9.44 1.27 -15.23
CA ILE A 156 9.92 2.62 -14.87
C ILE A 156 11.35 2.80 -15.37
N GLY A 157 11.55 3.81 -16.22
CA GLY A 157 12.91 4.20 -16.64
C GLY A 157 13.54 3.21 -17.60
N ASN A 158 14.86 3.11 -17.53
CA ASN A 158 15.69 2.39 -18.51
C ASN A 158 16.36 1.16 -17.87
N SER A 159 15.95 0.84 -16.64
CA SER A 159 16.47 -0.33 -15.95
C SER A 159 15.44 -0.93 -15.00
N VAL A 160 15.75 -2.14 -14.56
CA VAL A 160 14.86 -2.94 -13.72
C VAL A 160 14.61 -2.22 -12.39
N THR A 161 13.37 -2.26 -11.91
CA THR A 161 13.07 -1.84 -10.52
C THR A 161 12.33 -2.94 -9.81
N TRP A 162 12.13 -2.77 -8.51
CA TRP A 162 11.35 -3.76 -7.76
C TRP A 162 9.88 -3.78 -8.21
N ALA A 163 9.39 -2.77 -8.94
CA ALA A 163 8.06 -2.82 -9.58
C ALA A 163 8.00 -3.91 -10.67
N ASP A 164 9.06 -4.05 -11.45
CA ASP A 164 9.17 -5.15 -12.42
C ASP A 164 9.13 -6.51 -11.71
N PHE A 165 9.89 -6.65 -10.64
CA PHE A 165 9.83 -7.85 -9.78
C PHE A 165 8.40 -8.11 -9.37
N TYR A 166 7.72 -7.10 -8.85
CA TYR A 166 6.36 -7.29 -8.32
C TYR A 166 5.39 -7.71 -9.42
N TRP A 167 5.55 -7.12 -10.62
CA TRP A 167 4.76 -7.53 -11.78
C TRP A 167 4.91 -9.03 -12.02
N GLU A 168 6.15 -9.49 -12.04
CA GLU A 168 6.45 -10.88 -12.37
C GLU A 168 5.88 -11.80 -11.28
N ILE A 169 5.97 -11.38 -10.02
CA ILE A 169 5.42 -12.12 -8.87
C ILE A 169 3.88 -12.17 -8.92
N CYS A 170 3.23 -11.03 -9.12
CA CYS A 170 1.76 -11.00 -9.16
C CYS A 170 1.22 -11.76 -10.38
N SER A 171 1.85 -11.56 -11.54
CA SER A 171 1.42 -12.23 -12.79
C SER A 171 1.60 -13.75 -12.67
N THR A 172 2.66 -14.21 -12.00
CA THR A 172 2.87 -15.65 -11.79
C THR A 172 1.67 -16.27 -11.05
N THR A 173 1.18 -15.60 -10.02
CA THR A 173 0.08 -16.15 -9.22
C THR A 173 -1.23 -16.07 -10.02
N LEU A 174 -1.46 -14.99 -10.76
CA LEU A 174 -2.66 -14.84 -11.61
C LEU A 174 -2.69 -15.92 -12.71
N LEU A 175 -1.52 -16.25 -13.28
CA LEU A 175 -1.44 -17.27 -14.37
C LEU A 175 -1.71 -18.70 -13.87
N VAL A 176 -1.61 -18.95 -12.56
CA VAL A 176 -2.04 -20.23 -11.99
C VAL A 176 -3.56 -20.37 -12.14
N PHE A 177 -4.30 -19.27 -11.98
CA PHE A 177 -5.77 -19.31 -12.03
C PHE A 177 -6.32 -19.06 -13.45
N LYS A 178 -5.64 -18.22 -14.23
CA LYS A 178 -6.08 -17.89 -15.60
C LYS A 178 -4.88 -17.88 -16.53
N PRO A 179 -4.46 -19.07 -17.04
CA PRO A 179 -3.24 -19.17 -17.84
C PRO A 179 -3.24 -18.38 -19.16
N ASP A 180 -4.42 -18.01 -19.67
CA ASP A 180 -4.54 -17.27 -20.95
C ASP A 180 -4.48 -15.74 -20.76
N LEU A 181 -4.25 -15.25 -19.54
CA LEU A 181 -4.44 -13.81 -19.21
C LEU A 181 -3.59 -12.88 -20.06
N LEU A 182 -2.44 -13.34 -20.53
CA LEU A 182 -1.50 -12.49 -21.30
C LEU A 182 -1.43 -12.89 -22.79
N ASP A 183 -2.45 -13.58 -23.30
CA ASP A 183 -2.52 -13.99 -24.72
C ASP A 183 -2.40 -12.79 -25.66
N ASN A 184 -3.11 -11.71 -25.36
CA ASN A 184 -3.11 -10.50 -26.22
C ASN A 184 -2.18 -9.41 -25.71
N HIS A 185 -1.15 -9.77 -24.92
CA HIS A 185 -0.24 -8.82 -24.29
C HIS A 185 1.19 -9.36 -24.26
N PRO A 186 1.81 -9.55 -25.43
CA PRO A 186 3.15 -10.13 -25.50
C PRO A 186 4.27 -9.28 -24.87
N ARG A 187 4.08 -7.97 -24.76
CA ARG A 187 5.10 -7.11 -24.13
C ARG A 187 5.13 -7.35 -22.63
N LEU A 188 3.98 -7.68 -22.02
CA LEU A 188 3.90 -8.05 -20.60
C LEU A 188 4.50 -9.44 -20.39
N VAL A 189 4.36 -10.33 -21.37
CA VAL A 189 5.05 -11.64 -21.33
C VAL A 189 6.54 -11.39 -21.38
N THR A 190 6.98 -10.54 -22.30
CA THR A 190 8.40 -10.20 -22.44
C THR A 190 8.94 -9.68 -21.12
N LEU A 191 8.20 -8.78 -20.48
CA LEU A 191 8.63 -8.22 -19.19
C LEU A 191 8.90 -9.35 -18.18
N ARG A 192 7.98 -10.31 -18.08
CA ARG A 192 8.17 -11.47 -17.17
C ARG A 192 9.48 -12.19 -17.49
N LYS A 193 9.70 -12.45 -18.78
CA LYS A 193 10.89 -13.21 -19.22
C LYS A 193 12.17 -12.41 -18.94
N LYS A 194 12.13 -11.08 -19.09
CA LYS A 194 13.30 -10.24 -18.77
C LYS A 194 13.64 -10.31 -17.28
N VAL A 195 12.61 -10.29 -16.43
CA VAL A 195 12.85 -10.41 -14.97
C VAL A 195 13.45 -11.80 -14.69
N GLN A 196 12.87 -12.83 -15.29
CA GLN A 196 13.34 -14.22 -15.10
C GLN A 196 14.72 -14.51 -15.69
N ALA A 197 15.20 -13.69 -16.63
CA ALA A 197 16.54 -13.89 -17.21
C ALA A 197 17.63 -13.22 -16.36
N ILE A 198 17.27 -12.40 -15.38
CA ILE A 198 18.28 -11.82 -14.47
C ILE A 198 18.89 -12.96 -13.66
N PRO A 199 20.22 -13.17 -13.76
CA PRO A 199 20.89 -14.34 -13.19
C PRO A 199 20.54 -14.63 -11.73
N ALA A 200 20.62 -13.61 -10.89
CA ALA A 200 20.26 -13.70 -9.47
C ALA A 200 18.82 -14.16 -9.29
N VAL A 201 17.91 -13.70 -10.13
CA VAL A 201 16.48 -14.04 -10.03
C VAL A 201 16.27 -15.44 -10.59
N ALA A 202 16.77 -15.69 -11.80
CA ALA A 202 16.73 -17.03 -12.41
C ALA A 202 17.21 -18.06 -11.40
N ASN A 203 18.33 -17.75 -10.74
CA ASN A 203 18.93 -18.65 -9.77
C ASN A 203 17.99 -18.93 -8.60
N TRP A 204 17.38 -17.88 -8.05
CA TRP A 204 16.42 -18.05 -6.95
C TRP A 204 15.17 -18.84 -7.41
N ILE A 205 14.67 -18.57 -8.62
CA ILE A 205 13.46 -19.25 -9.13
C ILE A 205 13.74 -20.75 -9.30
N LYS A 206 14.92 -21.11 -9.83
CA LYS A 206 15.34 -22.52 -9.92
C LYS A 206 15.39 -23.19 -8.54
N ARG A 207 15.83 -22.47 -7.51
CA ARG A 207 16.11 -23.12 -6.20
C ARG A 207 15.00 -22.98 -5.17
N ARG A 208 14.02 -22.10 -5.39
CA ARG A 208 12.99 -21.88 -4.34
C ARG A 208 12.08 -23.10 -4.21
N PRO A 209 11.48 -23.34 -3.03
CA PRO A 209 10.45 -24.39 -2.92
C PRO A 209 9.29 -24.14 -3.90
N GLN A 210 8.88 -25.20 -4.59
CA GLN A 210 7.81 -25.11 -5.59
C GLN A 210 6.49 -25.16 -4.83
N THR A 211 5.69 -24.09 -4.90
CA THR A 211 4.38 -24.03 -4.21
C THR A 211 3.32 -23.51 -5.16
N LYS A 212 2.05 -23.75 -4.86
CA LYS A 212 0.96 -23.18 -5.66
C LYS A 212 1.01 -21.64 -5.66
N LEU A 213 1.14 -21.06 -4.47
CA LEU A 213 1.02 -19.62 -4.27
C LEU A 213 2.29 -19.07 -3.66
N MET B 15 8.83 27.99 -7.28
CA MET B 15 7.46 27.49 -6.94
C MET B 15 6.98 26.51 -8.00
N PRO B 16 6.58 25.28 -7.62
CA PRO B 16 6.00 24.32 -8.56
C PRO B 16 4.47 24.30 -8.58
N ASN B 17 3.90 23.97 -9.74
CA ASN B 17 2.45 24.02 -9.97
C ASN B 17 1.80 22.69 -9.60
N TYR B 18 0.99 22.70 -8.55
CA TYR B 18 0.29 21.51 -8.05
C TYR B 18 -1.21 21.61 -8.29
N LYS B 19 -1.80 20.54 -8.83
CA LYS B 19 -3.26 20.43 -8.97
C LYS B 19 -3.70 19.04 -8.54
N LEU B 20 -4.53 19.01 -7.49
CA LEU B 20 -5.08 17.78 -6.92
C LEU B 20 -6.50 17.58 -7.42
N THR B 21 -6.73 16.42 -8.05
CA THR B 21 -8.04 16.03 -8.58
C THR B 21 -8.57 14.85 -7.76
N TYR B 22 -9.70 15.06 -7.09
CA TYR B 22 -10.44 14.00 -6.38
C TYR B 22 -11.93 14.35 -6.37
N PHE B 23 -12.75 13.52 -5.75
CA PHE B 23 -14.16 13.84 -5.46
C PHE B 23 -14.23 14.92 -4.37
N ASN B 24 -15.42 15.48 -4.20
CA ASN B 24 -15.69 16.39 -3.08
C ASN B 24 -15.93 15.57 -1.81
N MET B 25 -14.82 15.19 -1.17
CA MET B 25 -14.81 14.58 0.18
C MET B 25 -13.38 14.40 0.66
N ARG B 26 -13.21 14.05 1.93
CA ARG B 26 -11.87 13.81 2.51
C ARG B 26 -11.25 12.58 1.82
N GLY B 27 -11.76 11.40 2.14
CA GLY B 27 -11.37 10.14 1.48
C GLY B 27 -9.87 9.95 1.35
N ARG B 28 -9.44 9.44 0.20
CA ARG B 28 -8.04 9.06 -0.03
C ARG B 28 -7.17 10.27 -0.40
N ALA B 29 -7.77 11.41 -0.72
CA ALA B 29 -7.04 12.64 -1.04
C ALA B 29 -6.58 13.39 0.21
N GLU B 30 -7.25 13.14 1.34
CA GLU B 30 -7.09 13.97 2.54
C GLU B 30 -5.66 13.97 3.09
N ILE B 31 -4.96 12.84 2.99
CA ILE B 31 -3.57 12.75 3.48
C ILE B 31 -2.70 13.72 2.68
N ILE B 32 -2.99 13.85 1.38
CA ILE B 32 -2.25 14.78 0.51
C ILE B 32 -2.53 16.23 0.94
N ARG B 33 -3.78 16.53 1.25
CA ARG B 33 -4.20 17.87 1.66
C ARG B 33 -3.55 18.25 2.99
N TYR B 34 -3.49 17.32 3.94
CA TYR B 34 -2.80 17.56 5.24
C TYR B 34 -1.32 17.86 5.01
N ILE B 35 -0.69 17.10 4.13
CA ILE B 35 0.75 17.29 3.83
C ILE B 35 0.98 18.67 3.20
N PHE B 36 0.10 19.06 2.28
CA PHE B 36 0.17 20.40 1.65
C PHE B 36 -0.01 21.51 2.68
N ALA B 37 -1.02 21.39 3.53
CA ALA B 37 -1.23 22.36 4.62
C ALA B 37 0.00 22.43 5.53
N TYR B 38 0.49 21.29 5.98
CA TYR B 38 1.58 21.24 6.98
C TYR B 38 2.86 21.85 6.40
N LEU B 39 3.12 21.58 5.13
CA LEU B 39 4.33 22.10 4.46
C LEU B 39 4.11 23.49 3.87
N ASP B 40 2.91 24.05 4.04
CA ASP B 40 2.52 25.37 3.55
C ASP B 40 2.78 25.49 2.04
N ILE B 41 2.20 24.57 1.28
CA ILE B 41 2.37 24.52 -0.19
C ILE B 41 1.04 24.85 -0.84
N GLN B 42 1.06 25.79 -1.77
CA GLN B 42 -0.16 26.24 -2.46
C GLN B 42 -0.46 25.28 -3.62
N TYR B 43 -1.72 24.87 -3.72
CA TYR B 43 -2.16 23.88 -4.72
C TYR B 43 -3.62 24.13 -5.08
N GLU B 44 -3.99 23.73 -6.29
CA GLU B 44 -5.39 23.70 -6.73
C GLU B 44 -6.05 22.44 -6.20
N ASP B 45 -7.06 22.61 -5.34
CA ASP B 45 -7.83 21.51 -4.72
C ASP B 45 -9.06 21.21 -5.58
N HIS B 46 -8.81 20.77 -6.81
CA HIS B 46 -9.86 20.54 -7.81
C HIS B 46 -10.75 19.38 -7.40
N ARG B 47 -11.98 19.69 -6.97
CA ARG B 47 -12.98 18.68 -6.59
C ARG B 47 -13.95 18.50 -7.75
N ILE B 48 -14.49 17.29 -7.89
CA ILE B 48 -15.40 16.94 -9.01
C ILE B 48 -16.66 16.24 -8.50
N GLU B 49 -17.77 16.52 -9.18
CA GLU B 49 -19.03 15.77 -9.01
C GLU B 49 -18.91 14.43 -9.73
N GLN B 50 -19.71 13.46 -9.32
CA GLN B 50 -19.78 12.14 -9.98
C GLN B 50 -20.22 12.27 -11.44
N ALA B 51 -21.06 13.25 -11.75
CA ALA B 51 -21.54 13.51 -13.12
C ALA B 51 -20.37 13.59 -14.10
N ASP B 52 -19.27 14.24 -13.69
CA ASP B 52 -18.06 14.38 -14.53
C ASP B 52 -17.11 13.17 -14.44
N TRP B 53 -17.47 12.11 -13.70
CA TRP B 53 -16.51 11.03 -13.36
C TRP B 53 -16.18 10.17 -14.58
N PRO B 54 -17.18 9.68 -15.35
CA PRO B 54 -16.85 8.89 -16.54
C PRO B 54 -16.01 9.64 -17.59
N GLU B 55 -16.18 10.95 -17.72
CA GLU B 55 -15.41 11.78 -18.67
C GLU B 55 -13.93 11.67 -18.33
N ILE B 56 -13.57 12.14 -17.15
CA ILE B 56 -12.15 12.22 -16.71
C ILE B 56 -11.57 10.80 -16.62
N LYS B 57 -12.38 9.84 -16.17
CA LYS B 57 -11.91 8.45 -15.97
C LYS B 57 -11.23 7.89 -17.21
N SER B 58 -11.85 8.10 -18.37
CA SER B 58 -11.33 7.65 -19.68
C SER B 58 -9.91 8.15 -19.96
N THR B 59 -9.56 9.32 -19.43
CA THR B 59 -8.23 9.94 -19.62
C THR B 59 -7.18 9.45 -18.60
N LEU B 60 -7.63 8.96 -17.44
CA LEU B 60 -6.73 8.56 -16.33
C LEU B 60 -5.93 7.30 -16.69
N PRO B 61 -4.68 7.20 -16.18
CA PRO B 61 -3.78 6.10 -16.58
C PRO B 61 -4.33 4.72 -16.16
N PHE B 62 -4.86 4.62 -14.95
CA PHE B 62 -5.44 3.38 -14.39
C PHE B 62 -6.86 3.61 -13.85
N GLY B 63 -7.55 4.64 -14.37
CA GLY B 63 -8.98 4.87 -14.09
C GLY B 63 -9.32 5.09 -12.63
N LYS B 64 -8.41 5.72 -11.89
CA LYS B 64 -8.56 5.92 -10.43
C LYS B 64 -8.11 7.31 -10.01
N ILE B 65 -8.76 7.83 -8.97
CA ILE B 65 -8.35 9.09 -8.32
C ILE B 65 -8.09 8.77 -6.84
N PRO B 66 -7.30 9.57 -6.12
CA PRO B 66 -6.80 10.86 -6.57
C PRO B 66 -5.60 10.81 -7.53
N ILE B 67 -5.45 11.86 -8.32
CA ILE B 67 -4.21 12.12 -9.07
C ILE B 67 -3.66 13.48 -8.67
N LEU B 68 -2.37 13.65 -8.91
CA LEU B 68 -1.69 14.93 -8.66
C LEU B 68 -0.88 15.30 -9.88
N GLU B 69 -1.18 16.47 -10.43
CA GLU B 69 -0.42 17.02 -11.55
C GLU B 69 0.67 17.90 -10.98
N VAL B 70 1.91 17.64 -11.39
CA VAL B 70 3.12 18.34 -10.91
C VAL B 70 3.85 18.91 -12.12
N ASP B 71 3.76 20.23 -12.33
CA ASP B 71 4.44 20.90 -13.45
C ASP B 71 4.14 20.19 -14.79
N GLY B 72 2.88 19.84 -15.01
CA GLY B 72 2.43 19.15 -16.23
C GLY B 72 2.76 17.66 -16.32
N LEU B 73 3.05 17.02 -15.18
CA LEU B 73 3.35 15.58 -15.11
C LEU B 73 2.37 14.94 -14.14
N THR B 74 1.77 13.81 -14.50
CA THR B 74 0.71 13.19 -13.68
C THR B 74 1.25 12.08 -12.77
N LEU B 75 0.84 12.13 -11.50
CA LEU B 75 1.10 11.10 -10.48
C LEU B 75 -0.24 10.52 -10.03
N HIS B 76 -0.23 9.24 -9.64
CA HIS B 76 -1.41 8.56 -9.08
C HIS B 76 -1.00 7.74 -7.84
N GLN B 77 -2.00 7.14 -7.19
CA GLN B 77 -1.89 6.35 -5.95
C GLN B 77 -1.62 7.25 -4.76
N SER B 78 -2.61 7.39 -3.88
CA SER B 78 -2.58 8.43 -2.86
C SER B 78 -1.41 8.28 -1.91
N LEU B 79 -1.05 7.05 -1.55
CA LEU B 79 0.09 6.85 -0.62
C LEU B 79 1.43 7.03 -1.36
N ALA B 80 1.47 6.71 -2.66
CA ALA B 80 2.65 6.95 -3.46
C ALA B 80 2.90 8.46 -3.54
N ILE B 81 1.84 9.24 -3.71
CA ILE B 81 1.93 10.70 -3.82
C ILE B 81 2.38 11.30 -2.49
N ALA B 82 1.72 10.89 -1.40
CA ALA B 82 2.07 11.35 -0.04
C ALA B 82 3.53 11.04 0.29
N ARG B 83 4.01 9.87 -0.11
CA ARG B 83 5.43 9.53 0.12
C ARG B 83 6.34 10.48 -0.67
N TYR B 84 5.96 10.77 -1.92
CA TYR B 84 6.75 11.67 -2.77
C TYR B 84 6.86 13.07 -2.12
N LEU B 85 5.75 13.58 -1.64
CA LEU B 85 5.68 14.94 -1.07
C LEU B 85 6.45 15.05 0.24
N THR B 86 6.55 13.97 1.02
CA THR B 86 7.19 14.01 2.35
C THR B 86 8.65 13.61 2.28
N LYS B 87 9.07 13.14 1.11
CA LYS B 87 10.48 12.78 0.91
C LYS B 87 11.33 14.02 1.19
N ASN B 88 12.35 13.85 1.99
CA ASN B 88 13.24 14.95 2.37
C ASN B 88 12.63 15.92 3.40
N THR B 89 11.52 15.54 4.04
CA THR B 89 10.92 16.37 5.11
C THR B 89 11.00 15.63 6.43
N ASP B 90 10.78 16.38 7.50
CA ASP B 90 10.64 15.85 8.87
C ASP B 90 9.52 14.80 8.98
N LEU B 91 8.47 14.94 8.17
CA LEU B 91 7.32 14.02 8.24
C LEU B 91 7.67 12.56 7.86
N ALA B 92 8.77 12.33 7.14
CA ALA B 92 9.09 10.98 6.63
C ALA B 92 9.63 10.05 7.73
N GLY B 93 10.24 10.59 8.78
CA GLY B 93 10.92 9.79 9.83
C GLY B 93 12.39 10.14 10.00
N ASN B 94 12.95 9.91 11.18
CA ASN B 94 14.29 10.41 11.56
C ASN B 94 15.44 9.43 11.25
N THR B 95 15.13 8.16 10.94
CA THR B 95 16.12 7.14 10.48
C THR B 95 15.51 6.30 9.35
N GLU B 96 16.37 5.59 8.61
CA GLU B 96 15.91 4.67 7.54
C GLU B 96 14.90 3.67 8.12
N MET B 97 15.25 3.09 9.28
CA MET B 97 14.36 2.11 9.96
CA MET B 97 14.38 2.14 9.98
C MET B 97 13.03 2.78 10.37
N GLU B 98 13.10 4.00 10.90
CA GLU B 98 11.88 4.73 11.30
C GLU B 98 11.01 5.06 10.07
N GLN B 99 11.64 5.32 8.93
CA GLN B 99 10.89 5.53 7.67
C GLN B 99 10.13 4.26 7.27
N CYS B 100 10.72 3.10 7.47
CA CYS B 100 10.03 1.82 7.27
C CYS B 100 8.81 1.71 8.19
N HIS B 101 8.97 2.04 9.48
CA HIS B 101 7.89 1.96 10.45
C HIS B 101 6.73 2.88 10.05
N VAL B 102 7.07 4.07 9.56
CA VAL B 102 6.07 5.05 9.08
C VAL B 102 5.26 4.40 7.95
N ASP B 103 5.96 3.86 6.97
CA ASP B 103 5.32 3.20 5.82
C ASP B 103 4.46 2.03 6.29
N ALA B 104 4.98 1.22 7.22
CA ALA B 104 4.29 0.01 7.72
C ALA B 104 3.04 0.36 8.54
N ILE B 105 3.08 1.40 9.35
CA ILE B 105 1.89 1.83 10.09
C ILE B 105 0.83 2.35 9.11
N VAL B 106 1.27 3.15 8.13
CA VAL B 106 0.38 3.66 7.08
C VAL B 106 -0.27 2.51 6.32
N ASP B 107 0.55 1.54 5.92
CA ASP B 107 0.04 0.38 5.17
C ASP B 107 -0.93 -0.45 6.02
N THR B 108 -0.64 -0.62 7.30
CA THR B 108 -1.51 -1.35 8.22
C THR B 108 -2.87 -0.66 8.30
N LEU B 109 -2.87 0.64 8.53
CA LEU B 109 -4.12 1.44 8.51
C LEU B 109 -4.85 1.37 7.18
N ASP B 110 -4.13 1.55 6.06
CA ASP B 110 -4.74 1.56 4.71
C ASP B 110 -5.36 0.20 4.36
N ASP B 111 -4.68 -0.88 4.76
CA ASP B 111 -5.18 -2.25 4.58
C ASP B 111 -6.57 -2.39 5.19
N PHE B 112 -6.71 -1.88 6.41
CA PHE B 112 -7.95 -2.03 7.17
C PHE B 112 -9.07 -1.17 6.56
N MET B 113 -8.75 0.05 6.16
CA MET B 113 -9.72 0.95 5.50
C MET B 113 -10.16 0.39 4.15
N SER B 114 -9.25 -0.30 3.45
CA SER B 114 -9.52 -0.91 2.14
C SER B 114 -10.45 -2.12 2.21
N CYS B 115 -10.54 -2.79 3.36
CA CYS B 115 -11.48 -3.91 3.58
C CYS B 115 -12.94 -3.48 3.41
N PHE B 116 -13.26 -2.23 3.76
CA PHE B 116 -14.64 -1.76 3.72
C PHE B 116 -15.07 -1.69 2.26
N PRO B 117 -16.29 -2.17 1.93
CA PRO B 117 -16.82 -2.09 0.56
C PRO B 117 -17.47 -0.73 0.29
N TRP B 118 -16.63 0.25 0.00
CA TRP B 118 -17.06 1.65 -0.21
C TRP B 118 -17.98 1.79 -1.42
N ALA B 119 -17.70 1.03 -2.48
CA ALA B 119 -18.39 1.14 -3.78
C ALA B 119 -19.51 0.10 -3.94
N GLU B 120 -19.81 -0.68 -2.90
CA GLU B 120 -20.81 -1.75 -2.99
C GLU B 120 -22.18 -1.17 -3.34
N LYS B 121 -22.78 -1.69 -4.41
CA LYS B 121 -24.08 -1.25 -4.93
C LYS B 121 -25.25 -1.79 -4.09
N LYS B 122 -25.09 -2.97 -3.50
CA LYS B 122 -26.13 -3.63 -2.66
C LYS B 122 -26.04 -3.15 -1.22
N GLN B 123 -27.06 -2.41 -0.77
CA GLN B 123 -27.08 -1.78 0.57
C GLN B 123 -26.88 -2.83 1.67
N ASP B 124 -27.62 -3.93 1.58
CA ASP B 124 -27.63 -4.99 2.60
C ASP B 124 -26.28 -5.68 2.77
N VAL B 125 -25.55 -5.87 1.67
CA VAL B 125 -24.21 -6.50 1.69
C VAL B 125 -23.19 -5.51 2.30
N LYS B 126 -23.26 -4.26 1.83
CA LYS B 126 -22.45 -3.14 2.37
C LYS B 126 -22.67 -2.98 3.88
N GLU B 127 -23.91 -3.07 4.34
CA GLU B 127 -24.26 -2.82 5.76
C GLU B 127 -23.70 -3.94 6.66
N GLN B 128 -23.92 -5.19 6.27
CA GLN B 128 -23.43 -6.36 7.02
C GLN B 128 -21.89 -6.33 7.16
N MET B 129 -21.20 -5.96 6.08
CA MET B 129 -19.72 -5.98 6.03
C MET B 129 -19.15 -4.85 6.90
N PHE B 130 -19.69 -3.64 6.76
CA PHE B 130 -19.30 -2.49 7.60
C PHE B 130 -19.47 -2.82 9.08
N ASN B 131 -20.49 -3.61 9.38
CA ASN B 131 -20.78 -3.97 10.76
C ASN B 131 -19.78 -5.01 11.30
N GLU B 132 -19.52 -6.07 10.53
CA GLU B 132 -18.60 -7.15 10.93
C GLU B 132 -17.21 -6.59 11.22
N LEU B 133 -16.68 -5.81 10.29
CA LEU B 133 -15.36 -5.16 10.41
C LEU B 133 -15.30 -4.29 11.66
N LEU B 134 -16.29 -3.41 11.85
CA LEU B 134 -16.31 -2.49 13.00
C LEU B 134 -16.45 -3.23 14.32
N THR B 135 -17.12 -4.38 14.32
CA THR B 135 -17.47 -5.09 15.57
C THR B 135 -16.32 -5.99 16.04
N TYR B 136 -15.72 -6.75 15.13
CA TYR B 136 -14.68 -7.74 15.48
C TYR B 136 -13.27 -7.23 15.15
N ASN B 137 -13.06 -6.78 13.92
CA ASN B 137 -11.71 -6.43 13.42
C ASN B 137 -11.19 -5.14 14.05
N ALA B 138 -11.97 -4.06 13.94
CA ALA B 138 -11.56 -2.72 14.39
C ALA B 138 -10.97 -2.70 15.81
N PRO B 139 -11.63 -3.28 16.84
CA PRO B 139 -11.06 -3.31 18.19
C PRO B 139 -9.72 -4.05 18.32
N HIS B 140 -9.51 -5.10 17.54
CA HIS B 140 -8.18 -5.76 17.47
C HIS B 140 -7.13 -4.75 17.02
N LEU B 141 -7.46 -3.92 16.03
CA LEU B 141 -6.53 -2.93 15.46
C LEU B 141 -6.25 -1.83 16.47
N MET B 142 -7.30 -1.27 17.05
CA MET B 142 -7.17 -0.23 18.11
C MET B 142 -6.26 -0.74 19.23
N GLN B 143 -6.46 -1.98 19.66
CA GLN B 143 -5.64 -2.58 20.75
C GLN B 143 -4.17 -2.71 20.33
N ASP B 144 -3.93 -3.17 19.10
CA ASP B 144 -2.55 -3.32 18.58
C ASP B 144 -1.90 -1.95 18.44
N LEU B 145 -2.65 -0.98 17.91
CA LEU B 145 -2.15 0.40 17.76
C LEU B 145 -1.81 1.01 19.12
N ASP B 146 -2.72 0.84 20.09
CA ASP B 146 -2.54 1.35 21.47
C ASP B 146 -1.27 0.75 22.07
N THR B 147 -1.10 -0.56 21.93
CA THR B 147 0.11 -1.28 22.38
C THR B 147 1.36 -0.75 21.66
N TYR B 148 1.26 -0.53 20.36
CA TYR B 148 2.38 0.02 19.56
C TYR B 148 2.80 1.40 20.06
N LEU B 149 1.83 2.29 20.29
CA LEU B 149 2.12 3.66 20.73
C LEU B 149 2.77 3.62 22.11
N GLY B 150 2.22 2.80 23.00
CA GLY B 150 2.65 2.77 24.41
C GLY B 150 2.40 4.12 25.06
N GLY B 151 3.39 4.63 25.80
CA GLY B 151 3.31 5.94 26.44
C GLY B 151 4.03 7.04 25.68
N ARG B 152 4.39 6.78 24.42
CA ARG B 152 5.12 7.76 23.59
C ARG B 152 4.15 8.81 23.06
N GLU B 153 4.70 9.92 22.58
CA GLU B 153 3.92 11.09 22.13
C GLU B 153 3.40 10.87 20.70
N TRP B 154 4.26 10.33 19.84
CA TRP B 154 3.91 10.08 18.44
C TRP B 154 4.06 8.60 18.14
N LEU B 155 3.43 8.15 17.06
CA LEU B 155 3.47 6.74 16.67
C LEU B 155 4.90 6.27 16.38
N ILE B 156 5.69 7.07 15.67
CA ILE B 156 7.08 6.69 15.33
C ILE B 156 8.06 7.77 15.78
N GLY B 157 9.09 7.34 16.50
CA GLY B 157 10.19 8.24 16.89
C GLY B 157 9.70 9.25 17.90
N ASN B 158 10.24 10.47 17.86
CA ASN B 158 9.94 11.50 18.87
C ASN B 158 9.31 12.76 18.27
N SER B 159 8.84 12.68 17.03
CA SER B 159 8.20 13.82 16.36
C SER B 159 7.09 13.32 15.43
N VAL B 160 6.20 14.24 15.10
CA VAL B 160 5.05 13.92 14.23
C VAL B 160 5.55 13.39 12.88
N THR B 161 4.82 12.42 12.33
CA THR B 161 5.06 11.93 10.97
C THR B 161 3.72 11.84 10.26
N TRP B 162 3.75 11.59 8.95
CA TRP B 162 2.52 11.50 8.18
C TRP B 162 1.71 10.24 8.51
N ALA B 163 2.30 9.29 9.25
CA ALA B 163 1.52 8.19 9.88
C ALA B 163 0.59 8.72 10.98
N ASP B 164 1.02 9.73 11.70
CA ASP B 164 0.16 10.39 12.69
C ASP B 164 -0.98 11.11 11.95
N PHE B 165 -0.66 11.78 10.85
CA PHE B 165 -1.71 12.37 10.00
C PHE B 165 -2.70 11.30 9.55
N TYR B 166 -2.18 10.18 9.04
CA TYR B 166 -3.05 9.11 8.52
C TYR B 166 -3.90 8.49 9.60
N TRP B 167 -3.31 8.26 10.77
CA TRP B 167 -4.06 7.74 11.91
C TRP B 167 -5.27 8.66 12.18
N GLU B 168 -5.02 9.97 12.21
CA GLU B 168 -6.06 10.96 12.50
C GLU B 168 -7.18 10.91 11.45
N ILE B 169 -6.79 10.80 10.17
CA ILE B 169 -7.72 10.82 9.02
C ILE B 169 -8.55 9.54 9.02
N CYS B 170 -7.89 8.40 9.15
CA CYS B 170 -8.55 7.10 9.21
C CYS B 170 -9.52 7.03 10.38
N SER B 171 -9.05 7.40 11.57
CA SER B 171 -9.86 7.34 12.81
C SER B 171 -11.08 8.28 12.71
N THR B 172 -10.90 9.46 12.10
CA THR B 172 -12.01 10.40 11.85
C THR B 172 -13.15 9.70 11.08
N THR B 173 -12.82 8.95 10.04
CA THR B 173 -13.82 8.26 9.20
C THR B 173 -14.41 7.04 9.92
N LEU B 174 -13.63 6.35 10.76
CA LEU B 174 -14.17 5.21 11.51
C LEU B 174 -15.16 5.67 12.57
N LEU B 175 -14.91 6.83 13.17
CA LEU B 175 -15.76 7.40 14.24
C LEU B 175 -17.15 7.78 13.72
N VAL B 176 -17.25 8.18 12.44
CA VAL B 176 -18.55 8.45 11.78
C VAL B 176 -19.47 7.23 11.89
N PHE B 177 -18.93 6.02 11.74
CA PHE B 177 -19.71 4.76 11.75
C PHE B 177 -19.75 4.07 13.12
N LYS B 178 -18.77 4.36 13.97
CA LYS B 178 -18.60 3.69 15.27
C LYS B 178 -18.05 4.72 16.26
N PRO B 179 -18.91 5.62 16.80
CA PRO B 179 -18.46 6.69 17.70
C PRO B 179 -17.78 6.24 19.00
N ASP B 180 -18.02 4.99 19.43
CA ASP B 180 -17.45 4.42 20.68
C ASP B 180 -16.12 3.70 20.45
N LEU B 181 -15.58 3.74 19.23
CA LEU B 181 -14.35 2.99 18.85
C LEU B 181 -13.21 3.22 19.83
N LEU B 182 -12.98 4.47 20.24
CA LEU B 182 -11.81 4.83 21.08
C LEU B 182 -12.16 5.02 22.56
N ASP B 183 -13.36 4.60 22.97
CA ASP B 183 -13.83 4.70 24.38
C ASP B 183 -12.79 4.16 25.36
N ASN B 184 -12.27 2.96 25.11
CA ASN B 184 -11.26 2.34 25.98
C ASN B 184 -9.83 2.60 25.48
N HIS B 185 -9.61 3.67 24.70
CA HIS B 185 -8.26 3.99 24.16
C HIS B 185 -8.00 5.49 24.19
N PRO B 186 -7.96 6.10 25.39
CA PRO B 186 -7.69 7.54 25.52
C PRO B 186 -6.33 7.98 24.96
N ARG B 187 -5.32 7.11 25.03
CA ARG B 187 -4.00 7.46 24.47
C ARG B 187 -4.07 7.65 22.95
N LEU B 188 -4.94 6.91 22.26
CA LEU B 188 -5.16 7.09 20.82
C LEU B 188 -5.97 8.35 20.53
N VAL B 189 -6.86 8.71 21.46
CA VAL B 189 -7.61 9.98 21.38
C VAL B 189 -6.66 11.15 21.58
N THR B 190 -5.77 11.06 22.56
CA THR B 190 -4.74 12.08 22.79
C THR B 190 -3.96 12.33 21.51
N LEU B 191 -3.55 11.25 20.85
CA LEU B 191 -2.77 11.34 19.61
C LEU B 191 -3.57 12.09 18.53
N ARG B 192 -4.85 11.78 18.37
CA ARG B 192 -5.72 12.55 17.45
C ARG B 192 -5.74 14.05 17.81
N LYS B 193 -5.87 14.36 19.10
CA LYS B 193 -5.92 15.77 19.57
C LYS B 193 -4.58 16.47 19.26
N LYS B 194 -3.46 15.83 19.58
CA LYS B 194 -2.11 16.37 19.26
C LYS B 194 -1.94 16.69 17.78
N VAL B 195 -2.43 15.82 16.89
CA VAL B 195 -2.33 16.09 15.44
C VAL B 195 -3.19 17.31 15.10
N GLN B 196 -4.44 17.28 15.54
CA GLN B 196 -5.43 18.35 15.28
C GLN B 196 -4.98 19.71 15.81
N ALA B 197 -4.17 19.71 16.87
CA ALA B 197 -3.64 20.95 17.50
C ALA B 197 -2.48 21.56 16.70
N ILE B 198 -1.87 20.82 15.77
CA ILE B 198 -0.79 21.40 14.93
C ILE B 198 -1.40 22.54 14.10
N PRO B 199 -0.96 23.80 14.34
CA PRO B 199 -1.65 24.99 13.77
C PRO B 199 -2.02 24.89 12.28
N ALA B 200 -1.07 24.47 11.44
CA ALA B 200 -1.29 24.34 9.99
C ALA B 200 -2.38 23.30 9.69
N VAL B 201 -2.45 22.24 10.50
CA VAL B 201 -3.49 21.21 10.38
C VAL B 201 -4.81 21.73 10.93
N ALA B 202 -4.77 22.36 12.11
CA ALA B 202 -5.96 23.02 12.69
C ALA B 202 -6.61 23.95 11.66
N ASN B 203 -5.78 24.77 11.01
CA ASN B 203 -6.24 25.79 10.03
C ASN B 203 -6.90 25.13 8.83
N TRP B 204 -6.39 23.97 8.41
CA TRP B 204 -6.97 23.19 7.31
C TRP B 204 -8.30 22.55 7.72
N ILE B 205 -8.35 21.95 8.91
CA ILE B 205 -9.57 21.31 9.47
C ILE B 205 -10.72 22.32 9.56
N LYS B 206 -10.43 23.51 10.07
CA LYS B 206 -11.43 24.57 10.21
C LYS B 206 -11.90 25.07 8.84
N ARG B 207 -10.99 25.18 7.86
CA ARG B 207 -11.30 25.81 6.56
C ARG B 207 -11.81 24.82 5.49
N ARG B 208 -11.92 23.52 5.79
CA ARG B 208 -12.26 22.52 4.74
C ARG B 208 -13.75 22.26 4.60
N PRO B 209 -14.21 21.97 3.36
CA PRO B 209 -15.58 21.55 3.13
C PRO B 209 -16.02 20.47 4.11
N GLN B 210 -17.20 20.66 4.71
CA GLN B 210 -17.77 19.68 5.65
C GLN B 210 -18.53 18.63 4.86
N THR B 211 -17.92 17.48 4.63
CA THR B 211 -18.54 16.31 4.00
C THR B 211 -18.59 15.19 5.03
N LYS B 212 -19.41 14.17 4.79
CA LYS B 212 -19.53 13.02 5.71
C LYS B 212 -18.23 12.22 5.72
N LEU B 213 -17.76 11.85 4.53
CA LEU B 213 -16.54 11.02 4.34
C LEU B 213 -15.44 11.87 3.71
N1 GSH C . -0.38 -5.83 3.45
CA1 GSH C . 0.28 -6.78 4.36
C1 GSH C . 1.65 -7.13 3.80
O11 GSH C . 1.88 -6.94 2.58
O12 GSH C . 2.52 -7.56 4.59
CB1 GSH C . -0.65 -7.98 4.52
CG1 GSH C . -0.18 -8.98 5.54
CD1 GSH C . -1.15 -10.15 5.63
OE1 GSH C . -2.36 -9.97 5.56
N2 GSH C . -0.59 -11.36 5.78
CA2 GSH C . -1.35 -12.58 5.93
C2 GSH C . -1.47 -12.98 7.38
O2 GSH C . -0.50 -12.84 8.10
CB2 GSH C . -0.66 -13.71 5.19
SG2 GSH C . -0.62 -13.46 3.40
N3 GSH C . -2.65 -13.46 7.80
CA3 GSH C . -2.82 -13.87 9.17
C3 GSH C . -4.26 -13.85 9.65
O31 GSH C . -5.11 -13.25 8.95
O32 GSH C . -4.51 -14.43 10.73
C1 EDO D . 18.59 -17.85 0.98
O1 EDO D . 18.82 -18.44 2.26
C2 EDO D . 19.70 -16.88 0.62
O2 EDO D . 20.51 -16.51 1.74
C17 TJG E . -1.15 -16.16 -1.04
C21 TJG E . -0.43 -12.13 -3.10
C22 TJG E . -1.27 -11.43 -2.23
C24 TJG E . -1.70 -13.50 -1.10
C26 TJG E . 0.31 -11.45 -4.23
C28 TJG E . 0.86 -10.07 -4.08
C01 TJG E . -4.38 -19.96 7.07
C02 TJG E . -4.43 -18.45 7.31
C03 TJG E . -3.70 -18.10 8.58
O04 TJG E . -5.82 -18.11 7.51
C05 TJG E . -3.91 -17.65 6.09
C07 TJG E . -2.70 -18.28 5.40
C08 TJG E . -2.15 -17.41 4.27
C09 TJG E . -3.22 -17.11 3.24
C11 TJG E . -4.44 -16.50 3.89
C12 TJG E . -4.97 -17.37 5.03
N13 TJG E . -2.69 -16.24 2.19
C14 TJG E . -2.59 -16.63 0.92
O15 TJG E . -2.91 -17.76 0.57
C16 TJG E . -2.02 -15.66 -0.08
N18 TJG E . -0.56 -15.46 -1.99
C19 TJG E . -0.84 -14.12 -2.02
N20 TJG E . -0.21 -13.42 -3.01
C23 TJG E . -1.91 -12.11 -1.23
C25 TJG E . -2.29 -14.31 -0.11
C27 TJG E . 1.80 -11.22 -4.12
N1 GSH F . -5.04 2.62 -3.53
CA1 GSH F . -5.59 3.70 -4.36
C1 GSH F . -5.24 5.05 -3.74
O11 GSH F . -5.12 6.03 -4.52
O12 GSH F . -5.09 5.12 -2.51
CB1 GSH F . -7.10 3.53 -4.50
CG1 GSH F . -7.70 4.50 -5.51
CD1 GSH F . -9.20 4.30 -5.60
OE1 GSH F . -9.66 3.18 -5.78
N2 GSH F . -9.95 5.39 -5.50
CA2 GSH F . -11.39 5.40 -5.69
C2 GSH F . -11.75 5.55 -7.16
O2 GSH F . -11.10 6.33 -7.85
CB2 GSH F . -12.03 6.52 -4.88
SG2 GSH F . -11.83 6.29 -3.10
N3 GSH F . -12.75 4.80 -7.62
CA3 GSH F . -13.13 4.82 -9.02
C3 GSH F . -13.64 3.50 -9.54
O31 GSH F . -14.54 3.52 -10.40
O32 GSH F . -13.10 2.45 -9.11
C17 TJG G . -14.32 7.14 1.17
C21 TJG G . -10.30 5.69 2.85
C22 TJG G . -10.16 4.69 1.88
C24 TJG G . -12.26 5.41 0.95
C26 TJG G . -9.23 5.87 3.91
C28 TJG G . -9.38 6.90 4.99
C01 TJG G . -18.01 6.78 -8.19
C02 TJG G . -18.36 5.81 -7.07
C03 TJG G . -19.82 5.99 -6.65
O04 TJG G . -18.25 4.48 -7.64
C05 TJG G . -17.39 5.88 -5.89
C07 TJG G . -17.27 7.26 -5.23
C08 TJG G . -16.20 7.30 -4.14
C09 TJG G . -16.43 6.23 -3.09
C11 TJG G . -16.58 4.86 -3.72
C12 TJG G . -17.67 4.86 -4.79
N13 TJG G . -15.34 6.22 -2.10
C14 TJG G . -15.56 6.24 -0.78
O15 TJG G . -16.69 6.31 -0.31
C16 TJG G . -14.36 6.22 0.12
N18 TJG G . -13.36 7.25 2.07
C19 TJG G . -12.32 6.38 1.96
N20 TJG G . -11.34 6.51 2.90
C23 TJG G . -11.12 4.55 0.94
C25 TJG G . -13.32 5.34 0.03
C27 TJG G . -8.38 7.11 3.92
#